data_6JF1
#
_entry.id   6JF1
#
_cell.length_a   54.692
_cell.length_b   75.851
_cell.length_c   75.634
_cell.angle_alpha   90.00
_cell.angle_beta   90.00
_cell.angle_gamma   90.00
#
_symmetry.space_group_name_H-M   'P 21 21 21'
#
loop_
_entity.id
_entity.type
_entity.pdbx_description
1 polymer Lipoprotein
2 non-polymer METHIONINE
3 non-polymer 'ZINC ION'
4 non-polymer 'CHLORIDE ION'
5 non-polymer 'ACETATE ION'
6 non-polymer GLYCEROL
7 water water
#
_entity_poly.entity_id   1
_entity_poly.type   'polypeptide(L)'
_entity_poly.pdbx_seq_one_letter_code
;MRGSHHHHHHGSGSGSGIEGRADNATTIKIATVNRSGSEEKRWDKIQELVKKDGITLEFTEFTDYSQPNKATADGEVDLN
AFQHYNFLNNWNKENGKDLVAIADTYISPIRLYSGLNGSANKYTKVEDIPANGEIAVPNDATNESRALYLLQSAGLIKLD
VSGTALATVANIKENPKNLKITELDASQTARSLSSVDAAVVNNTFVTEAKLDYKKSLFKEQADENSKQWYNIIVAKKDWE
TSPKADAIKKVIAAYHTDDVKKVIEESSDGLDQPVW
;
_entity_poly.pdbx_strand_id   A
#
# COMPACT_ATOMS: atom_id res chain seq x y z
N MET A 1 5.20 -8.96 -18.61
CA MET A 1 4.01 -9.87 -18.47
C MET A 1 3.46 -9.81 -17.04
N ARG A 2 2.15 -10.00 -16.92
CA ARG A 2 1.36 -9.72 -15.71
C ARG A 2 1.57 -10.81 -14.64
N GLY A 3 1.50 -10.38 -13.39
CA GLY A 3 1.45 -11.26 -12.24
C GLY A 3 2.81 -11.82 -11.83
N SER A 4 3.89 -11.09 -12.14
CA SER A 4 5.20 -11.50 -11.65
C SER A 4 5.18 -11.67 -10.12
N HIS A 5 5.87 -12.69 -9.63
CA HIS A 5 5.80 -13.03 -8.24
C HIS A 5 6.91 -14.01 -7.88
N HIS A 6 7.07 -14.27 -6.60
CA HIS A 6 7.77 -15.47 -6.15
C HIS A 6 7.12 -16.03 -4.89
N HIS A 7 7.65 -17.15 -4.39
CA HIS A 7 7.02 -17.78 -3.24
C HIS A 7 8.04 -17.82 -2.12
N HIS A 8 7.50 -17.77 -0.91
CA HIS A 8 8.32 -17.78 0.29
C HIS A 8 7.60 -18.74 1.26
N HIS A 9 8.07 -20.01 1.27
CA HIS A 9 7.46 -21.13 2.04
C HIS A 9 8.25 -21.35 3.33
N HIS A 10 7.58 -21.17 4.46
CA HIS A 10 7.94 -21.87 5.67
C HIS A 10 7.48 -23.32 5.49
N THR A 26 -1.92 -27.69 9.52
CA THR A 26 -2.66 -26.93 8.50
C THR A 26 -1.81 -25.77 7.93
N THR A 27 -1.89 -25.63 6.62
CA THR A 27 -1.11 -24.66 5.89
C THR A 27 -2.05 -23.52 5.49
N ILE A 28 -1.65 -22.29 5.78
CA ILE A 28 -2.43 -21.09 5.39
C ILE A 28 -1.62 -20.35 4.32
N LYS A 29 -2.19 -20.18 3.15
CA LYS A 29 -1.51 -19.46 2.05
C LYS A 29 -1.98 -18.00 2.03
N ILE A 30 -1.02 -17.07 2.00
CA ILE A 30 -1.29 -15.66 2.07
C ILE A 30 -0.69 -14.97 0.82
N ALA A 31 -1.45 -14.15 0.10
CA ALA A 31 -0.87 -13.28 -0.95
C ALA A 31 -0.54 -11.90 -0.39
N THR A 32 0.65 -11.44 -0.73
CA THR A 32 1.13 -10.12 -0.41
C THR A 32 1.72 -9.49 -1.68
N VAL A 33 2.19 -8.25 -1.49
CA VAL A 33 3.08 -7.61 -2.41
C VAL A 33 4.45 -7.51 -1.73
N ASN A 34 5.50 -7.86 -2.47
CA ASN A 34 6.89 -7.93 -1.95
C ASN A 34 7.35 -6.56 -1.41
N ARG A 35 8.02 -6.59 -0.25
CA ARG A 35 8.62 -5.39 0.35
C ARG A 35 10.07 -5.71 0.73
N SER A 36 10.90 -4.70 0.87
CA SER A 36 12.36 -4.85 1.02
C SER A 36 12.81 -4.67 2.48
N GLY A 37 14.07 -5.00 2.72
CA GLY A 37 14.68 -4.91 4.05
C GLY A 37 13.96 -5.77 5.07
N SER A 38 13.70 -5.18 6.21
CA SER A 38 13.19 -5.96 7.29
C SER A 38 11.65 -5.95 7.34
N GLU A 39 10.96 -5.41 6.30
CA GLU A 39 9.53 -5.08 6.43
C GLU A 39 8.65 -6.33 6.51
N GLU A 40 9.17 -7.48 6.15
CA GLU A 40 8.34 -8.70 6.17
C GLU A 40 8.56 -9.50 7.45
N LYS A 41 9.35 -8.98 8.39
CA LYS A 41 9.68 -9.71 9.60
C LYS A 41 8.42 -9.99 10.43
N ARG A 42 7.38 -9.17 10.28
CA ARG A 42 6.14 -9.44 11.00
C ARG A 42 5.68 -10.88 10.77
N TRP A 43 5.87 -11.37 9.55
CA TRP A 43 5.42 -12.69 9.17
C TRP A 43 6.26 -13.80 9.80
N ASP A 44 7.52 -13.52 10.03
CA ASP A 44 8.35 -14.53 10.73
C ASP A 44 7.92 -14.60 12.20
N LYS A 45 7.63 -13.43 12.79
CA LYS A 45 7.16 -13.41 14.15
C LYS A 45 5.81 -14.14 14.26
N ILE A 46 4.88 -13.91 13.32
CA ILE A 46 3.56 -14.54 13.38
C ILE A 46 3.77 -16.06 13.26
N GLN A 47 4.70 -16.48 12.38
CA GLN A 47 4.92 -17.93 12.19
C GLN A 47 5.40 -18.58 13.50
N GLU A 48 6.31 -17.90 14.17
CA GLU A 48 6.87 -18.31 15.44
C GLU A 48 5.75 -18.42 16.48
N LEU A 49 4.74 -17.54 16.43
CA LEU A 49 3.61 -17.58 17.37
C LEU A 49 2.63 -18.72 17.08
N VAL A 50 2.46 -19.15 15.82
CA VAL A 50 1.39 -20.11 15.57
C VAL A 50 1.97 -21.51 15.34
N LYS A 51 3.28 -21.64 15.52
CA LYS A 51 4.05 -22.87 15.30
C LYS A 51 3.52 -23.98 16.22
N LYS A 52 3.38 -23.66 17.49
CA LYS A 52 2.86 -24.62 18.46
C LYS A 52 1.45 -25.05 18.05
N ASP A 53 0.73 -24.21 17.32
CA ASP A 53 -0.61 -24.56 16.91
C ASP A 53 -0.58 -25.45 15.66
N GLY A 54 0.59 -25.79 15.13
CA GLY A 54 0.61 -26.69 13.94
C GLY A 54 0.31 -25.94 12.63
N ILE A 55 0.46 -24.62 12.59
CA ILE A 55 0.11 -23.84 11.37
C ILE A 55 1.39 -23.44 10.62
N THR A 56 1.45 -23.79 9.35
CA THR A 56 2.52 -23.35 8.45
C THR A 56 1.96 -22.22 7.57
N LEU A 57 2.70 -21.12 7.49
CA LEU A 57 2.32 -20.04 6.58
C LEU A 57 3.13 -20.20 5.30
N GLU A 58 2.53 -19.90 4.17
CA GLU A 58 3.20 -19.91 2.84
C GLU A 58 2.76 -18.65 2.10
N PHE A 59 3.66 -17.93 1.46
CA PHE A 59 3.37 -16.62 0.93
C PHE A 59 3.55 -16.66 -0.58
N THR A 60 2.53 -16.13 -1.31
CA THR A 60 2.74 -15.73 -2.72
C THR A 60 2.98 -14.20 -2.73
N GLU A 61 4.22 -13.75 -3.05
CA GLU A 61 4.55 -12.29 -2.98
C GLU A 61 4.53 -11.74 -4.41
N PHE A 62 3.49 -10.99 -4.72
CA PHE A 62 3.32 -10.40 -6.04
C PHE A 62 4.18 -9.14 -6.12
N THR A 63 4.25 -8.53 -7.31
CA THR A 63 5.07 -7.30 -7.41
C THR A 63 4.22 -6.04 -7.56
N ASP A 64 2.92 -6.19 -7.73
CA ASP A 64 2.05 -5.03 -7.92
C ASP A 64 0.66 -5.38 -7.39
N TYR A 65 -0.18 -4.34 -7.34
CA TYR A 65 -1.45 -4.37 -6.61
C TYR A 65 -2.54 -5.07 -7.44
N SER A 66 -2.29 -5.33 -8.71
CA SER A 66 -3.38 -5.91 -9.53
C SER A 66 -3.71 -7.38 -9.21
N GLN A 67 -2.83 -8.14 -8.54
CA GLN A 67 -2.95 -9.62 -8.56
C GLN A 67 -3.50 -10.23 -7.27
N PRO A 68 -3.16 -9.70 -6.06
CA PRO A 68 -3.53 -10.53 -4.84
C PRO A 68 -5.03 -10.82 -4.61
N ASN A 69 -5.90 -9.88 -4.96
CA ASN A 69 -7.34 -10.03 -4.73
C ASN A 69 -7.86 -11.12 -5.67
N LYS A 70 -7.38 -11.07 -6.92
CA LYS A 70 -7.71 -12.13 -7.91
C LYS A 70 -7.27 -13.51 -7.38
N ALA A 71 -6.05 -13.62 -6.85
CA ALA A 71 -5.56 -14.90 -6.27
C ALA A 71 -6.51 -15.40 -5.17
N THR A 72 -7.06 -14.45 -4.40
CA THR A 72 -7.93 -14.80 -3.29
C THR A 72 -9.31 -15.25 -3.81
N ALA A 73 -9.91 -14.46 -4.70
CA ALA A 73 -11.25 -14.79 -5.22
C ALA A 73 -11.19 -16.14 -5.94
N ASP A 74 -10.06 -16.42 -6.60
CA ASP A 74 -9.85 -17.67 -7.37
C ASP A 74 -9.50 -18.84 -6.45
N GLY A 75 -9.27 -18.63 -5.17
CA GLY A 75 -8.93 -19.77 -4.31
C GLY A 75 -7.46 -20.21 -4.39
N GLU A 76 -6.56 -19.47 -5.02
CA GLU A 76 -5.15 -19.87 -5.02
C GLU A 76 -4.49 -19.63 -3.65
N VAL A 77 -5.00 -18.66 -2.87
CA VAL A 77 -4.53 -18.38 -1.53
C VAL A 77 -5.72 -18.26 -0.57
N ASP A 78 -5.45 -18.37 0.74
CA ASP A 78 -6.49 -18.26 1.77
C ASP A 78 -6.76 -16.79 2.14
N LEU A 79 -5.70 -15.97 2.29
CA LEU A 79 -5.80 -14.59 2.79
C LEU A 79 -4.93 -13.73 1.89
N ASN A 80 -5.20 -12.43 1.92
CA ASN A 80 -4.25 -11.48 1.37
C ASN A 80 -4.00 -10.38 2.39
N ALA A 81 -2.81 -9.79 2.29
CA ALA A 81 -2.48 -8.73 3.17
C ALA A 81 -1.65 -7.71 2.40
N PHE A 82 -2.30 -6.68 1.83
CA PHE A 82 -1.55 -5.76 0.98
C PHE A 82 -2.32 -4.45 0.74
N GLN A 83 -3.62 -4.34 1.05
CA GLN A 83 -4.37 -3.20 0.53
C GLN A 83 -5.04 -2.48 1.70
N HIS A 84 -5.58 -1.29 1.38
CA HIS A 84 -6.42 -0.50 2.33
C HIS A 84 -7.91 -0.72 1.98
N TYR A 85 -8.77 -0.29 2.90
CA TYR A 85 -10.25 -0.47 2.70
C TYR A 85 -10.71 0.13 1.36
N ASN A 86 -10.22 1.31 1.00
CA ASN A 86 -10.73 1.94 -0.25
C ASN A 86 -10.37 1.12 -1.47
N PHE A 87 -9.13 0.62 -1.49
CA PHE A 87 -8.69 -0.19 -2.61
C PHE A 87 -9.60 -1.42 -2.69
N LEU A 88 -9.87 -2.05 -1.53
CA LEU A 88 -10.71 -3.29 -1.50
C LEU A 88 -12.13 -3.02 -2.03
N ASN A 89 -12.77 -2.01 -1.45
CA ASN A 89 -14.14 -1.61 -1.84
C ASN A 89 -14.17 -1.37 -3.35
N ASN A 90 -13.20 -0.64 -3.86
CA ASN A 90 -13.19 -0.34 -5.27
C ASN A 90 -13.00 -1.62 -6.12
N TRP A 91 -12.08 -2.48 -5.70
CA TRP A 91 -11.80 -3.72 -6.43
C TRP A 91 -13.05 -4.61 -6.45
N ASN A 92 -13.73 -4.74 -5.31
CA ASN A 92 -14.94 -5.54 -5.23
C ASN A 92 -15.96 -4.98 -6.26
N LYS A 93 -16.16 -3.66 -6.25
CA LYS A 93 -17.21 -3.04 -7.10
C LYS A 93 -16.88 -3.28 -8.58
N GLU A 94 -15.62 -3.04 -8.95
CA GLU A 94 -15.15 -3.16 -10.33
C GLU A 94 -15.24 -4.60 -10.84
N ASN A 95 -15.03 -5.58 -9.94
CA ASN A 95 -14.91 -6.95 -10.38
C ASN A 95 -16.19 -7.75 -10.05
N GLY A 96 -17.18 -7.09 -9.44
CA GLY A 96 -18.39 -7.71 -8.93
C GLY A 96 -18.11 -8.82 -7.93
N LYS A 97 -17.13 -8.62 -7.02
CA LYS A 97 -16.83 -9.64 -6.00
C LYS A 97 -17.14 -9.10 -4.60
N ASP A 98 -17.02 -9.93 -3.58
CA ASP A 98 -17.34 -9.50 -2.23
C ASP A 98 -16.35 -10.12 -1.24
N LEU A 99 -15.04 -9.96 -1.46
CA LEU A 99 -14.04 -10.27 -0.42
C LEU A 99 -14.27 -9.33 0.77
N VAL A 100 -13.84 -9.76 1.94
CA VAL A 100 -14.18 -9.04 3.17
C VAL A 100 -12.88 -8.83 3.96
N ALA A 101 -12.85 -7.74 4.74
CA ALA A 101 -11.80 -7.44 5.68
C ALA A 101 -12.11 -8.20 6.98
N ILE A 102 -11.11 -8.89 7.59
CA ILE A 102 -11.36 -9.65 8.82
C ILE A 102 -10.43 -9.14 9.93
N ALA A 103 -9.57 -8.15 9.63
CA ALA A 103 -8.70 -7.49 10.64
C ALA A 103 -8.09 -6.24 10.01
N ASP A 104 -7.90 -5.17 10.80
CA ASP A 104 -7.10 -4.01 10.38
C ASP A 104 -5.64 -4.22 10.79
N THR A 105 -4.69 -3.67 10.01
CA THR A 105 -3.28 -3.93 10.30
C THR A 105 -2.60 -2.61 10.66
N TYR A 106 -2.26 -1.81 9.65
CA TYR A 106 -1.51 -0.63 9.85
C TYR A 106 -2.02 0.48 8.90
N ILE A 107 -1.60 1.72 9.18
CA ILE A 107 -1.75 2.84 8.26
C ILE A 107 -0.33 3.35 7.97
N SER A 108 -0.13 3.74 6.71
CA SER A 108 1.08 4.42 6.30
C SER A 108 0.71 5.61 5.38
N PRO A 109 0.48 6.80 5.96
CA PRO A 109 0.06 7.96 5.17
C PRO A 109 0.99 8.18 3.96
N ILE A 110 0.40 8.31 2.76
CA ILE A 110 1.23 8.30 1.55
C ILE A 110 2.04 9.60 1.49
N ARG A 111 3.18 9.59 0.79
CA ARG A 111 4.09 10.71 0.81
C ARG A 111 4.49 11.10 -0.61
N LEU A 112 4.79 12.38 -0.75
CA LEU A 112 5.39 12.91 -1.93
C LEU A 112 6.91 13.00 -1.73
N TYR A 113 7.66 12.51 -2.72
CA TYR A 113 9.14 12.42 -2.64
C TYR A 113 9.75 13.26 -3.76
N SER A 114 10.90 13.88 -3.46
CA SER A 114 11.62 14.62 -4.47
C SER A 114 12.20 13.64 -5.49
N GLY A 115 12.23 14.10 -6.74
CA GLY A 115 13.07 13.49 -7.77
C GLY A 115 14.54 13.54 -7.37
N LEU A 116 15.35 12.68 -7.98
CA LEU A 116 16.73 12.46 -7.53
C LEU A 116 17.71 12.92 -8.62
N ASN A 117 18.82 13.52 -8.18
CA ASN A 117 19.98 13.76 -9.06
C ASN A 117 21.13 12.89 -8.51
N GLY A 118 21.38 11.77 -9.18
CA GLY A 118 22.11 10.66 -8.55
C GLY A 118 21.40 10.18 -7.28
N SER A 119 21.98 10.45 -6.13
CA SER A 119 21.35 10.04 -4.87
C SER A 119 21.02 11.28 -4.03
N ALA A 120 21.25 12.47 -4.56
CA ALA A 120 20.77 13.69 -3.89
C ALA A 120 19.32 13.99 -4.34
N ASN A 121 18.49 14.44 -3.38
CA ASN A 121 17.17 15.02 -3.65
C ASN A 121 17.34 16.31 -4.45
N LYS A 122 16.54 16.50 -5.51
CA LYS A 122 16.61 17.74 -6.28
C LYS A 122 16.01 18.89 -5.48
N TYR A 123 15.03 18.60 -4.63
CA TYR A 123 14.23 19.63 -3.96
C TYR A 123 14.10 19.25 -2.49
N THR A 124 14.12 20.25 -1.64
CA THR A 124 13.88 20.05 -0.25
C THR A 124 12.60 20.77 0.15
N LYS A 125 11.90 21.46 -0.76
CA LYS A 125 10.56 22.01 -0.43
C LYS A 125 9.64 21.93 -1.65
N VAL A 126 8.33 21.85 -1.40
CA VAL A 126 7.31 21.77 -2.47
C VAL A 126 7.42 22.98 -3.41
N GLU A 127 7.59 24.14 -2.79
CA GLU A 127 7.65 25.45 -3.48
C GLU A 127 8.77 25.45 -4.55
N ASP A 128 9.75 24.58 -4.42
CA ASP A 128 10.88 24.54 -5.36
C ASP A 128 10.57 23.65 -6.57
N ILE A 129 9.48 22.88 -6.57
CA ILE A 129 9.19 22.12 -7.79
C ILE A 129 9.09 23.14 -8.92
N PRO A 130 9.77 22.90 -10.04
CA PRO A 130 9.71 23.90 -11.10
C PRO A 130 8.41 23.90 -11.91
N ALA A 131 8.09 25.09 -12.40
CA ALA A 131 7.16 25.28 -13.46
C ALA A 131 7.50 24.29 -14.59
N ASN A 132 6.45 23.70 -15.18
CA ASN A 132 6.60 22.71 -16.27
C ASN A 132 7.15 21.37 -15.76
N GLY A 133 7.36 21.26 -14.44
CA GLY A 133 7.78 19.97 -13.85
C GLY A 133 6.79 18.81 -14.09
N GLU A 134 7.28 17.61 -13.80
CA GLU A 134 6.49 16.39 -13.96
C GLU A 134 6.43 15.68 -12.60
N ILE A 135 5.21 15.36 -12.18
CA ILE A 135 4.96 14.58 -11.00
C ILE A 135 4.28 13.27 -11.41
N ALA A 136 4.85 12.16 -10.94
CA ALA A 136 4.29 10.80 -11.12
C ALA A 136 3.38 10.44 -9.96
N VAL A 137 2.24 9.82 -10.27
CA VAL A 137 1.30 9.36 -9.27
C VAL A 137 0.82 7.94 -9.64
N PRO A 138 0.33 7.15 -8.67
CA PRO A 138 -0.22 5.84 -9.00
C PRO A 138 -1.44 5.96 -9.92
N ASN A 139 -1.74 4.91 -10.65
CA ASN A 139 -2.76 5.01 -11.70
C ASN A 139 -3.97 4.15 -11.34
N ASP A 140 -3.99 3.43 -10.20
CA ASP A 140 -5.26 2.71 -9.84
C ASP A 140 -6.20 3.72 -9.16
N ALA A 141 -7.51 3.60 -9.33
CA ALA A 141 -8.46 4.67 -8.99
C ALA A 141 -8.23 5.22 -7.57
N THR A 142 -8.03 4.37 -6.53
CA THR A 142 -8.10 4.89 -5.16
C THR A 142 -6.77 5.55 -4.80
N ASN A 143 -5.64 5.00 -5.25
CA ASN A 143 -4.34 5.61 -4.91
C ASN A 143 -4.06 6.79 -5.86
N GLU A 144 -4.58 6.74 -7.07
CA GLU A 144 -4.53 7.94 -7.94
C GLU A 144 -5.24 9.12 -7.27
N SER A 145 -6.48 8.88 -6.83
CA SER A 145 -7.29 9.87 -6.14
C SER A 145 -6.54 10.40 -4.91
N ARG A 146 -6.02 9.47 -4.12
CA ARG A 146 -5.32 9.79 -2.89
C ARG A 146 -4.14 10.71 -3.19
N ALA A 147 -3.38 10.41 -4.25
CA ALA A 147 -2.24 11.19 -4.62
C ALA A 147 -2.69 12.62 -5.02
N LEU A 148 -3.78 12.71 -5.77
CA LEU A 148 -4.26 14.01 -6.26
C LEU A 148 -4.77 14.88 -5.10
N TYR A 149 -5.52 14.30 -4.17
CA TYR A 149 -5.88 15.11 -3.01
C TYR A 149 -4.63 15.56 -2.24
N LEU A 150 -3.61 14.72 -2.20
CA LEU A 150 -2.32 15.03 -1.57
C LEU A 150 -1.67 16.23 -2.27
N LEU A 151 -1.66 16.21 -3.60
CA LEU A 151 -1.04 17.28 -4.35
C LEU A 151 -1.85 18.56 -4.09
N GLN A 152 -3.16 18.44 -3.91
CA GLN A 152 -3.97 19.60 -3.63
C GLN A 152 -3.65 20.13 -2.23
N SER A 153 -3.69 19.29 -1.21
CA SER A 153 -3.36 19.75 0.14
C SER A 153 -1.92 20.32 0.19
N ALA A 154 -0.99 19.88 -0.68
CA ALA A 154 0.38 20.46 -0.72
C ALA A 154 0.42 21.82 -1.44
N GLY A 155 -0.74 22.27 -1.90
CA GLY A 155 -0.91 23.54 -2.56
C GLY A 155 -0.45 23.57 -4.01
N LEU A 156 -0.35 22.44 -4.69
CA LEU A 156 0.20 22.44 -6.04
C LEU A 156 -0.92 22.51 -7.09
N ILE A 157 -2.15 22.15 -6.72
CA ILE A 157 -3.27 21.99 -7.69
C ILE A 157 -4.56 22.23 -6.90
N LYS A 158 -5.65 22.48 -7.62
CA LYS A 158 -6.97 22.41 -7.02
C LYS A 158 -7.78 21.44 -7.87
N LEU A 159 -8.73 20.76 -7.24
CA LEU A 159 -9.55 19.78 -7.88
C LEU A 159 -10.99 20.28 -7.92
N ASP A 160 -11.81 19.75 -8.83
CA ASP A 160 -13.22 20.14 -8.94
C ASP A 160 -14.13 19.07 -8.32
N VAL A 161 -13.54 18.19 -7.53
CA VAL A 161 -14.31 17.24 -6.76
C VAL A 161 -13.83 17.35 -5.31
N SER A 162 -14.65 16.88 -4.40
CA SER A 162 -14.20 16.87 -3.03
C SER A 162 -15.02 15.83 -2.29
N GLY A 163 -14.77 15.77 -0.99
CA GLY A 163 -15.45 14.81 -0.13
C GLY A 163 -14.94 13.41 -0.40
N THR A 164 -15.87 12.54 -0.76
CA THR A 164 -15.57 11.12 -0.99
C THR A 164 -15.48 10.86 -2.51
N ALA A 165 -15.55 11.91 -3.31
CA ALA A 165 -15.48 11.75 -4.74
C ALA A 165 -14.07 11.25 -5.08
N LEU A 166 -13.94 10.23 -5.93
CA LEU A 166 -12.62 9.85 -6.43
C LEU A 166 -12.15 10.93 -7.39
N ALA A 167 -10.94 11.48 -7.18
CA ALA A 167 -10.36 12.41 -8.15
C ALA A 167 -9.57 11.63 -9.21
N THR A 168 -9.66 12.10 -10.45
CA THR A 168 -8.80 11.65 -11.52
C THR A 168 -8.07 12.89 -12.05
N VAL A 169 -7.13 12.66 -12.92
CA VAL A 169 -6.36 13.76 -13.48
C VAL A 169 -7.28 14.74 -14.25
N ALA A 170 -8.36 14.25 -14.85
CA ALA A 170 -9.34 15.14 -15.51
C ALA A 170 -10.03 16.06 -14.49
N ASN A 171 -9.83 15.87 -13.18
CA ASN A 171 -10.54 16.72 -12.21
C ASN A 171 -9.65 17.83 -11.72
N ILE A 172 -8.47 18.00 -12.31
CA ILE A 172 -7.64 19.11 -11.94
C ILE A 172 -8.24 20.40 -12.53
N LYS A 173 -8.56 21.36 -11.65
CA LYS A 173 -9.26 22.65 -11.94
C LYS A 173 -8.23 23.78 -12.11
N GLU A 174 -7.16 23.79 -11.31
CA GLU A 174 -6.10 24.82 -11.34
C GLU A 174 -4.74 24.10 -11.30
N ASN A 175 -3.78 24.61 -12.05
CA ASN A 175 -2.47 24.01 -12.14
C ASN A 175 -1.45 25.13 -12.39
N PRO A 176 -1.28 26.01 -11.40
CA PRO A 176 -0.38 27.18 -11.44
C PRO A 176 0.96 26.93 -12.13
N LYS A 177 1.68 25.89 -11.76
CA LYS A 177 3.03 25.65 -12.24
C LYS A 177 3.00 24.87 -13.56
N ASN A 178 1.80 24.58 -14.07
CA ASN A 178 1.69 23.83 -15.35
C ASN A 178 2.44 22.49 -15.24
N LEU A 179 2.28 21.81 -14.10
CA LEU A 179 2.90 20.49 -13.89
C LEU A 179 2.25 19.42 -14.81
N LYS A 180 3.08 18.57 -15.37
CA LYS A 180 2.63 17.38 -16.05
C LYS A 180 2.41 16.31 -14.97
N ILE A 181 1.18 15.81 -14.88
CA ILE A 181 0.83 14.76 -13.93
C ILE A 181 0.77 13.45 -14.71
N THR A 182 1.69 12.55 -14.40
CA THR A 182 1.85 11.34 -15.16
C THR A 182 1.48 10.16 -14.26
N GLU A 183 0.45 9.41 -14.64
CA GLU A 183 0.06 8.29 -13.79
C GLU A 183 0.80 7.03 -14.25
N LEU A 184 1.37 6.34 -13.29
CA LEU A 184 2.11 5.11 -13.56
C LEU A 184 1.54 4.01 -12.68
N ASP A 185 1.90 2.76 -12.97
CA ASP A 185 1.63 1.70 -11.98
C ASP A 185 2.19 2.14 -10.61
N ALA A 186 1.41 1.89 -9.56
CA ALA A 186 1.83 2.19 -8.17
C ALA A 186 3.23 1.60 -7.93
N SER A 187 3.50 0.43 -8.52
CA SER A 187 4.79 -0.25 -8.20
C SER A 187 5.95 0.41 -8.97
N GLN A 188 5.67 1.45 -9.76
CA GLN A 188 6.67 2.09 -10.65
C GLN A 188 6.93 3.55 -10.29
N THR A 189 6.16 4.13 -9.38
CA THR A 189 6.33 5.55 -9.05
C THR A 189 7.68 5.82 -8.39
N ALA A 190 8.13 4.97 -7.49
CA ALA A 190 9.37 5.22 -6.79
C ALA A 190 10.55 5.07 -7.77
N ARG A 191 10.45 4.13 -8.70
CA ARG A 191 11.53 3.94 -9.68
C ARG A 191 11.60 5.13 -10.64
N SER A 192 10.52 5.90 -10.75
CA SER A 192 10.48 7.00 -11.74
C SER A 192 11.25 8.21 -11.22
N LEU A 193 11.68 8.19 -9.97
CA LEU A 193 12.20 9.39 -9.29
C LEU A 193 13.56 9.84 -9.87
N SER A 194 14.22 8.91 -10.53
CA SER A 194 15.43 9.20 -11.22
C SER A 194 15.15 10.11 -12.42
N SER A 195 13.90 10.19 -12.90
CA SER A 195 13.68 11.00 -14.10
C SER A 195 12.43 11.89 -14.03
N VAL A 196 11.89 12.17 -12.84
CA VAL A 196 10.80 13.13 -12.75
C VAL A 196 11.17 14.12 -11.63
N ASP A 197 10.32 15.11 -11.44
CA ASP A 197 10.57 16.16 -10.45
C ASP A 197 10.17 15.72 -9.03
N ALA A 198 9.06 14.98 -8.95
CA ALA A 198 8.52 14.44 -7.70
C ALA A 198 7.61 13.25 -8.05
N ALA A 199 7.32 12.40 -7.07
CA ALA A 199 6.40 11.21 -7.23
C ALA A 199 5.65 10.95 -5.93
N VAL A 200 4.39 10.56 -6.04
CA VAL A 200 3.67 10.03 -4.89
C VAL A 200 3.90 8.51 -4.85
N VAL A 201 4.36 8.05 -3.67
CA VAL A 201 4.81 6.66 -3.54
C VAL A 201 4.18 6.00 -2.31
N ASN A 202 3.44 4.91 -2.55
CA ASN A 202 2.92 4.02 -1.51
C ASN A 202 4.07 3.37 -0.71
N ASN A 203 3.84 3.17 0.58
CA ASN A 203 4.83 2.61 1.55
C ASN A 203 5.39 1.28 1.02
N THR A 204 4.56 0.53 0.31
CA THR A 204 4.94 -0.79 -0.18
C THR A 204 6.27 -0.73 -0.98
N PHE A 205 6.57 0.39 -1.65
CA PHE A 205 7.63 0.40 -2.75
C PHE A 205 8.84 1.25 -2.30
N VAL A 206 8.71 1.82 -1.13
CA VAL A 206 9.65 2.82 -0.64
C VAL A 206 11.03 2.18 -0.44
N THR A 207 11.09 1.01 0.21
CA THR A 207 12.40 0.46 0.64
C THR A 207 13.18 -0.11 -0.56
N GLU A 208 12.46 -0.76 -1.46
CA GLU A 208 13.05 -1.30 -2.69
C GLU A 208 13.77 -0.19 -3.47
N ALA A 209 13.25 1.02 -3.46
CA ALA A 209 13.86 2.11 -4.22
C ALA A 209 14.92 2.83 -3.38
N LYS A 210 15.10 2.35 -2.17
CA LYS A 210 16.03 2.90 -1.19
C LYS A 210 15.62 4.33 -0.80
N LEU A 211 14.33 4.63 -0.66
CA LEU A 211 13.95 5.98 -0.22
C LEU A 211 13.84 6.05 1.31
N ASP A 212 14.08 7.26 1.80
CA ASP A 212 13.95 7.58 3.19
C ASP A 212 12.65 8.37 3.39
N TYR A 213 11.63 7.73 3.97
CA TYR A 213 10.28 8.30 4.04
C TYR A 213 10.30 9.59 4.88
N LYS A 214 11.25 9.66 5.79
CA LYS A 214 11.35 10.78 6.69
C LYS A 214 11.89 12.02 5.94
N LYS A 215 12.43 11.84 4.74
CA LYS A 215 12.95 12.97 3.92
C LYS A 215 11.96 13.30 2.79
N SER A 216 10.69 12.96 2.96
CA SER A 216 9.75 13.27 1.88
C SER A 216 9.40 14.77 1.89
N LEU A 217 8.98 15.27 0.75
CA LEU A 217 8.54 16.65 0.61
C LEU A 217 7.22 16.89 1.37
N PHE A 218 6.32 15.90 1.38
CA PHE A 218 4.96 16.15 1.90
C PHE A 218 4.34 14.82 2.34
N LYS A 219 3.59 14.88 3.43
CA LYS A 219 2.92 13.72 3.97
C LYS A 219 1.41 14.01 3.99
N GLU A 220 0.63 13.00 3.57
CA GLU A 220 -0.82 12.98 3.65
C GLU A 220 -1.27 13.32 5.08
N GLN A 221 -2.22 14.22 5.16
CA GLN A 221 -2.79 14.76 6.39
C GLN A 221 -3.86 13.81 6.96
N ALA A 222 -3.86 13.59 8.28
CA ALA A 222 -4.87 12.76 8.99
C ALA A 222 -6.19 13.52 9.11
N ASP A 223 -7.29 12.81 9.26
CA ASP A 223 -8.60 13.43 9.44
C ASP A 223 -9.60 12.37 9.89
N ASN A 225 -11.73 10.58 8.78
CA ASN A 225 -11.81 9.83 7.52
C ASN A 225 -10.49 9.08 7.22
N SER A 226 -9.56 8.98 8.17
CA SER A 226 -8.27 8.24 7.93
C SER A 226 -8.46 6.72 7.81
N LYS A 227 -9.47 6.14 8.47
CA LYS A 227 -9.78 4.69 8.47
C LYS A 227 -9.86 4.11 7.04
N GLN A 228 -10.25 4.91 6.04
CA GLN A 228 -10.38 4.40 4.67
C GLN A 228 -8.99 3.98 4.11
N TRP A 229 -7.92 4.47 4.72
CA TRP A 229 -6.53 4.17 4.30
C TRP A 229 -5.92 3.10 5.23
N TYR A 230 -6.72 2.60 6.18
CA TYR A 230 -6.22 1.46 7.02
C TYR A 230 -6.02 0.23 6.13
N ASN A 231 -4.87 -0.43 6.31
CA ASN A 231 -4.62 -1.74 5.66
C ASN A 231 -5.34 -2.85 6.46
N ILE A 232 -5.58 -3.96 5.79
CA ILE A 232 -6.48 -5.00 6.22
C ILE A 232 -5.95 -6.38 5.80
N ILE A 233 -6.46 -7.40 6.50
CA ILE A 233 -6.34 -8.77 6.08
C ILE A 233 -7.69 -9.12 5.45
N VAL A 234 -7.63 -9.86 4.33
CA VAL A 234 -8.81 -10.06 3.52
C VAL A 234 -8.95 -11.55 3.18
N ALA A 235 -10.20 -12.05 3.17
CA ALA A 235 -10.54 -13.39 2.76
C ALA A 235 -11.78 -13.36 1.86
N LYS A 236 -12.12 -14.50 1.26
CA LYS A 236 -13.46 -14.66 0.66
C LYS A 236 -14.54 -14.65 1.73
N LYS A 237 -15.70 -14.13 1.34
CA LYS A 237 -16.84 -13.95 2.25
C LYS A 237 -17.19 -15.25 2.97
N ASP A 238 -17.06 -16.42 2.35
CA ASP A 238 -17.46 -17.68 3.01
C ASP A 238 -16.30 -18.35 3.76
N TRP A 239 -15.21 -17.62 4.06
CA TRP A 239 -14.06 -18.22 4.78
C TRP A 239 -14.48 -18.87 6.10
N GLU A 240 -15.56 -18.40 6.71
CA GLU A 240 -15.85 -18.85 8.12
C GLU A 240 -16.44 -20.27 8.10
N THR A 241 -16.90 -20.74 6.95
CA THR A 241 -17.36 -22.10 6.82
C THR A 241 -16.24 -23.01 6.28
N SER A 242 -15.06 -22.45 6.09
CA SER A 242 -13.95 -23.17 5.54
C SER A 242 -13.33 -24.08 6.61
N PRO A 243 -12.77 -25.24 6.21
CA PRO A 243 -12.03 -26.07 7.18
C PRO A 243 -10.84 -25.30 7.77
N LYS A 244 -10.43 -24.20 7.16
CA LYS A 244 -9.20 -23.48 7.67
C LYS A 244 -9.58 -22.28 8.57
N ALA A 245 -10.86 -22.11 8.84
CA ALA A 245 -11.36 -20.97 9.63
C ALA A 245 -10.71 -20.93 11.03
N ASP A 246 -10.61 -22.06 11.72
CA ASP A 246 -9.94 -22.03 13.04
C ASP A 246 -8.51 -21.48 12.90
N ALA A 247 -7.74 -21.99 11.93
CA ALA A 247 -6.33 -21.59 11.72
C ALA A 247 -6.22 -20.10 11.37
N ILE A 248 -7.18 -19.63 10.59
CA ILE A 248 -7.20 -18.22 10.19
C ILE A 248 -7.42 -17.32 11.42
N LYS A 249 -8.32 -17.76 12.31
CA LYS A 249 -8.56 -16.97 13.54
C LYS A 249 -7.30 -16.92 14.43
N LYS A 250 -6.48 -17.96 14.44
CA LYS A 250 -5.24 -17.95 15.20
C LYS A 250 -4.21 -17.01 14.56
N VAL A 251 -4.18 -16.95 13.22
CA VAL A 251 -3.22 -16.10 12.56
C VAL A 251 -3.57 -14.64 12.89
N ILE A 252 -4.86 -14.34 12.88
CA ILE A 252 -5.29 -13.00 13.21
C ILE A 252 -4.90 -12.70 14.63
N ALA A 253 -5.12 -13.65 15.55
CA ALA A 253 -4.74 -13.43 16.94
C ALA A 253 -3.23 -13.13 17.04
N ALA A 254 -2.41 -13.87 16.29
CA ALA A 254 -0.98 -13.65 16.32
C ALA A 254 -0.65 -12.26 15.73
N TYR A 255 -1.24 -11.86 14.61
CA TYR A 255 -0.97 -10.50 14.08
C TYR A 255 -1.27 -9.45 15.18
N HIS A 256 -2.42 -9.57 15.85
CA HIS A 256 -2.84 -8.58 16.80
C HIS A 256 -2.18 -8.80 18.18
N THR A 257 -0.88 -8.95 18.22
CA THR A 257 -0.18 -9.07 19.53
C THR A 257 0.67 -7.82 19.76
N ASP A 258 1.02 -7.63 21.02
CA ASP A 258 1.97 -6.58 21.34
C ASP A 258 3.29 -6.89 20.63
N ASP A 259 3.63 -8.17 20.57
CA ASP A 259 4.92 -8.56 19.96
C ASP A 259 4.98 -8.10 18.50
N VAL A 260 3.92 -8.39 17.76
CA VAL A 260 3.89 -8.03 16.35
C VAL A 260 3.82 -6.50 16.16
N LYS A 261 3.06 -5.83 17.03
CA LYS A 261 2.98 -4.39 17.04
C LYS A 261 4.42 -3.84 17.04
N LYS A 262 5.25 -4.33 17.96
CA LYS A 262 6.61 -3.83 18.12
C LYS A 262 7.44 -4.20 16.90
N VAL A 263 7.29 -5.42 16.40
CA VAL A 263 8.09 -5.83 15.24
C VAL A 263 7.76 -4.90 14.05
N ILE A 264 6.50 -4.57 13.87
CA ILE A 264 6.12 -3.74 12.69
C ILE A 264 6.79 -2.36 12.79
N GLU A 265 6.74 -1.75 13.98
CA GLU A 265 7.31 -0.44 14.22
C GLU A 265 8.82 -0.51 14.00
N GLU A 266 9.44 -1.51 14.59
CA GLU A 266 10.90 -1.61 14.53
C GLU A 266 11.36 -1.94 13.10
N SER A 267 10.80 -3.00 12.49
CA SER A 267 11.27 -3.54 11.20
C SER A 267 10.95 -2.57 10.03
N SER A 268 9.97 -1.69 10.20
CA SER A 268 9.65 -0.66 9.17
C SER A 268 10.24 0.70 9.55
N ASP A 269 10.96 0.80 10.68
CA ASP A 269 11.47 2.12 11.14
C ASP A 269 10.35 3.15 11.32
N GLY A 270 9.15 2.72 11.73
CA GLY A 270 8.07 3.72 11.91
C GLY A 270 7.26 3.98 10.63
N LEU A 271 7.70 3.53 9.47
CA LEU A 271 6.90 3.78 8.20
C LEU A 271 5.48 3.20 8.33
N ASP A 272 5.32 2.05 8.97
CA ASP A 272 3.99 1.45 9.13
C ASP A 272 3.49 1.64 10.57
N GLN A 273 2.29 2.17 10.70
CA GLN A 273 1.76 2.48 12.01
C GLN A 273 0.62 1.52 12.36
N PRO A 274 0.83 0.60 13.29
CA PRO A 274 -0.23 -0.38 13.67
C PRO A 274 -1.48 0.34 14.19
N VAL A 275 -2.67 -0.18 13.87
CA VAL A 275 -3.91 0.48 14.27
C VAL A 275 -4.77 -0.42 15.18
N TRP A 276 -4.26 -1.41 15.89
CA TRP A 276 -5.17 -2.22 16.77
C TRP A 276 -4.87 -2.02 18.26
#